data_4GJ2
#
_entry.id   4GJ2
#
_cell.length_a   36.149
_cell.length_b   74.077
_cell.length_c   106.009
_cell.angle_alpha   90.00
_cell.angle_beta   90.00
_cell.angle_gamma   90.00
#
_symmetry.space_group_name_H-M   'P 21 21 21'
#
loop_
_entity.id
_entity.type
_entity.pdbx_description
1 polymer 'Non-receptor tyrosine-protein kinase TYK2'
2 non-polymer 2,6-dichloro-N-[2-({[(1R,2R)-2-fluorocyclopropyl]carbonyl}amino)pyridin-4-yl]benzamide
3 water water
#
_entity_poly.entity_id   1
_entity_poly.type   'polypeptide(L)'
_entity_poly.pdbx_seq_one_letter_code
;MGSPASDPTVFHKRYLKKIRDLGEGHFGKVSLYCYDPTNDGTGEMVAVKALKADAGPQHRSGWKQEIDILRTLYHEHIIK
YKGCCEDAGAASLQLVMEYVPLGSLRDYLPRHSIGLAQLLLFAQQICEGMAYLHAQHYIHRNLAARNVLLDNDRLVKIGD
FGLAKAVPEGHEYYRVREDGDSPVFWYAPECLKEYKFYYASDVWSFGVTLYELLTHCDSSQSPPTKFLELIGIAQGQMTV
LRLTELLERGERLPRPDKCPAEVYHLMKNCWETEASFRPTFENLIPILKTVHEKYRHHHHHH
;
_entity_poly.pdbx_strand_id   A
#
loop_
_chem_comp.id
_chem_comp.type
_chem_comp.name
_chem_comp.formula
0XH non-polymer 2,6-dichloro-N-[2-({[(1R,2R)-2-fluorocyclopropyl]carbonyl}amino)pyridin-4-yl]benzamide 'C16 H12 Cl2 F N3 O2'
#
# COMPACT_ATOMS: atom_id res chain seq x y z
N THR A 9 -12.70 21.10 1.52
CA THR A 9 -12.27 21.66 2.81
C THR A 9 -10.89 22.31 2.66
N VAL A 10 -10.72 23.51 3.24
CA VAL A 10 -9.45 24.25 3.16
C VAL A 10 -8.80 24.48 4.53
N PHE A 11 -7.51 24.17 4.64
CA PHE A 11 -6.68 24.35 5.83
C PHE A 11 -5.74 25.52 5.61
N HIS A 12 -5.46 26.30 6.66
CA HIS A 12 -4.56 27.45 6.58
C HIS A 12 -3.19 27.11 7.13
N LYS A 13 -2.13 27.40 6.34
CA LYS A 13 -0.72 27.14 6.68
C LYS A 13 -0.29 27.82 7.98
N ARG A 14 -0.91 28.98 8.30
CA ARG A 14 -0.65 29.78 9.51
C ARG A 14 -1.02 29.07 10.82
N TYR A 15 -1.92 28.06 10.76
CA TYR A 15 -2.36 27.30 11.93
C TYR A 15 -1.71 25.91 12.04
N LEU A 16 -0.95 25.51 11.01
CA LEU A 16 -0.25 24.23 10.96
C LEU A 16 1.08 24.32 11.71
N LYS A 17 1.18 23.63 12.85
CA LYS A 17 2.39 23.58 13.68
C LYS A 17 3.03 22.20 13.50
N LYS A 18 4.22 22.15 12.91
CA LYS A 18 4.96 20.92 12.64
C LYS A 18 5.51 20.28 13.91
N ILE A 19 5.21 18.99 14.11
CA ILE A 19 5.67 18.20 15.24
C ILE A 19 6.94 17.44 14.81
N ARG A 20 6.83 16.63 13.73
CA ARG A 20 7.91 15.83 13.15
C ARG A 20 7.55 15.32 11.74
N ASP A 21 8.54 14.78 11.01
CA ASP A 21 8.34 14.17 9.70
C ASP A 21 7.91 12.73 9.94
N LEU A 22 7.00 12.21 9.10
CA LEU A 22 6.52 10.84 9.22
C LEU A 22 7.23 9.87 8.29
N GLY A 23 7.68 10.37 7.14
CA GLY A 23 8.39 9.60 6.14
C GLY A 23 8.21 10.12 4.73
N GLU A 24 8.68 9.35 3.75
CA GLU A 24 8.60 9.68 2.32
C GLU A 24 7.58 8.81 1.62
N GLY A 25 6.62 9.46 0.96
CA GLY A 25 5.57 8.78 0.20
C GLY A 25 6.08 8.35 -1.17
N HIS A 26 5.42 8.82 -2.23
CA HIS A 26 5.85 8.51 -3.60
C HIS A 26 6.27 9.78 -4.33
N PHE A 27 5.43 10.83 -4.24
CA PHE A 27 5.70 12.13 -4.87
C PHE A 27 6.37 13.12 -3.93
N GLY A 28 6.29 12.86 -2.62
CA GLY A 28 6.90 13.72 -1.61
C GLY A 28 6.85 13.20 -0.20
N LYS A 29 7.23 14.09 0.76
CA LYS A 29 7.28 13.77 2.19
C LYS A 29 5.97 14.02 2.96
N VAL A 30 5.75 13.18 3.99
CA VAL A 30 4.59 13.23 4.88
C VAL A 30 5.09 13.73 6.23
N SER A 31 4.38 14.70 6.82
CA SER A 31 4.76 15.27 8.10
C SER A 31 3.58 15.34 9.07
N LEU A 32 3.87 15.19 10.37
CA LEU A 32 2.90 15.27 11.43
C LEU A 32 2.82 16.71 11.94
N TYR A 33 1.63 17.29 11.81
CA TYR A 33 1.31 18.66 12.19
C TYR A 33 0.16 18.68 13.19
N CYS A 34 0.07 19.78 13.96
CA CYS A 34 -1.03 20.07 14.85
C CYS A 34 -1.71 21.29 14.22
N TYR A 35 -2.97 21.16 13.79
CA TYR A 35 -3.72 22.25 13.19
C TYR A 35 -4.44 22.93 14.35
N ASP A 36 -3.85 24.02 14.85
CA ASP A 36 -4.32 24.73 16.04
C ASP A 36 -4.71 26.20 15.78
N PRO A 37 -5.93 26.47 15.24
CA PRO A 37 -6.33 27.87 15.00
C PRO A 37 -6.63 28.67 16.28
N THR A 38 -7.01 27.97 17.37
CA THR A 38 -7.30 28.58 18.68
C THR A 38 -6.01 28.96 19.40
N ASN A 39 -4.87 28.35 19.01
CA ASN A 39 -3.51 28.55 19.55
C ASN A 39 -3.30 28.05 21.00
N ASP A 40 -4.30 27.35 21.58
CA ASP A 40 -4.22 26.81 22.94
C ASP A 40 -3.43 25.49 23.00
N GLY A 41 -3.63 24.63 22.00
CA GLY A 41 -2.98 23.33 21.87
C GLY A 41 -3.93 22.17 21.70
N THR A 42 -5.26 22.44 21.82
CA THR A 42 -6.35 21.45 21.71
C THR A 42 -6.62 21.03 20.25
N GLY A 43 -5.85 21.58 19.32
CA GLY A 43 -5.95 21.33 17.88
C GLY A 43 -5.72 19.88 17.49
N GLU A 44 -6.42 19.44 16.44
CA GLU A 44 -6.37 18.10 15.88
C GLU A 44 -5.02 17.80 15.26
N MET A 45 -4.53 16.56 15.43
CA MET A 45 -3.28 16.11 14.84
C MET A 45 -3.55 15.66 13.40
N VAL A 46 -2.81 16.21 12.43
CA VAL A 46 -2.98 15.90 11.00
C VAL A 46 -1.68 15.46 10.32
N ALA A 47 -1.79 14.52 9.39
CA ALA A 47 -0.67 14.03 8.60
C ALA A 47 -0.78 14.75 7.24
N VAL A 48 0.21 15.60 6.95
CA VAL A 48 0.22 16.43 5.73
C VAL A 48 1.26 15.94 4.72
N LYS A 49 0.78 15.51 3.54
CA LYS A 49 1.64 15.05 2.46
C LYS A 49 1.89 16.21 1.49
N ALA A 50 3.16 16.50 1.22
CA ALA A 50 3.53 17.60 0.32
C ALA A 50 4.40 17.14 -0.84
N LEU A 51 4.15 17.75 -2.01
CA LEU A 51 4.89 17.53 -3.25
C LEU A 51 6.15 18.40 -3.16
N LYS A 52 7.33 17.81 -3.47
CA LYS A 52 8.62 18.51 -3.45
C LYS A 52 8.65 19.72 -4.39
N ALA A 53 9.22 20.85 -3.93
CA ALA A 53 9.29 22.11 -4.66
C ALA A 53 10.02 22.07 -6.00
N ASP A 54 10.99 21.15 -6.16
CA ASP A 54 11.81 21.02 -7.36
C ASP A 54 11.25 20.03 -8.42
N ALA A 55 10.16 19.32 -8.09
CA ALA A 55 9.49 18.34 -8.97
C ALA A 55 9.02 18.93 -10.30
N GLY A 56 9.18 18.13 -11.36
CA GLY A 56 8.82 18.51 -12.72
C GLY A 56 7.34 18.44 -13.03
N PRO A 57 6.94 18.69 -14.31
CA PRO A 57 5.50 18.63 -14.66
C PRO A 57 4.92 17.21 -14.64
N GLN A 58 5.79 16.20 -14.82
CA GLN A 58 5.43 14.78 -14.81
C GLN A 58 4.92 14.32 -13.44
N HIS A 59 5.58 14.80 -12.36
CA HIS A 59 5.21 14.50 -10.97
C HIS A 59 4.04 15.36 -10.52
N ARG A 60 3.97 16.62 -11.00
CA ARG A 60 2.92 17.59 -10.66
C ARG A 60 1.53 17.15 -11.14
N SER A 61 1.45 16.53 -12.34
CA SER A 61 0.21 16.01 -12.91
C SER A 61 -0.23 14.74 -12.17
N GLY A 62 0.74 13.95 -11.71
CA GLY A 62 0.51 12.74 -10.94
C GLY A 62 0.05 13.00 -9.53
N TRP A 63 0.62 14.05 -8.89
CA TRP A 63 0.30 14.50 -7.54
C TRP A 63 -1.14 15.00 -7.45
N LYS A 64 -1.57 15.82 -8.44
CA LYS A 64 -2.94 16.35 -8.56
C LYS A 64 -3.93 15.18 -8.68
N GLN A 65 -3.53 14.13 -9.42
CA GLN A 65 -4.29 12.91 -9.66
C GLN A 65 -4.44 12.10 -8.37
N GLU A 66 -3.38 12.07 -7.52
CA GLU A 66 -3.37 11.37 -6.24
C GLU A 66 -4.38 12.04 -5.27
N ILE A 67 -4.41 13.39 -5.26
CA ILE A 67 -5.32 14.20 -4.45
C ILE A 67 -6.78 13.92 -4.84
N ASP A 68 -7.10 13.99 -6.14
CA ASP A 68 -8.45 13.73 -6.68
C ASP A 68 -8.95 12.33 -6.38
N ILE A 69 -8.02 11.34 -6.39
CA ILE A 69 -8.34 9.95 -6.09
C ILE A 69 -8.73 9.78 -4.63
N LEU A 70 -7.91 10.27 -3.69
CA LEU A 70 -8.18 10.16 -2.26
C LEU A 70 -9.41 10.96 -1.80
N ARG A 71 -9.67 12.12 -2.46
CA ARG A 71 -10.83 13.00 -2.19
C ARG A 71 -12.16 12.28 -2.48
N THR A 72 -12.20 11.45 -3.54
CA THR A 72 -13.37 10.69 -3.98
C THR A 72 -13.57 9.35 -3.24
N LEU A 73 -12.60 8.94 -2.40
CA LEU A 73 -12.67 7.67 -1.67
C LEU A 73 -13.15 7.82 -0.23
N TYR A 74 -14.14 6.99 0.16
CA TYR A 74 -14.73 6.97 1.49
C TYR A 74 -14.98 5.54 1.95
N HIS A 75 -14.09 5.03 2.80
CA HIS A 75 -14.16 3.68 3.36
C HIS A 75 -13.50 3.65 4.73
N GLU A 76 -13.99 2.76 5.62
CA GLU A 76 -13.45 2.61 6.97
C GLU A 76 -12.02 2.02 6.99
N HIS A 77 -11.62 1.36 5.88
CA HIS A 77 -10.29 0.76 5.75
C HIS A 77 -9.42 1.48 4.72
N ILE A 78 -9.69 2.80 4.54
CA ILE A 78 -8.96 3.72 3.67
C ILE A 78 -8.73 5.01 4.45
N ILE A 79 -7.48 5.55 4.40
CA ILE A 79 -7.08 6.78 5.09
C ILE A 79 -8.04 7.93 4.75
N LYS A 80 -8.61 8.56 5.79
CA LYS A 80 -9.57 9.63 5.63
C LYS A 80 -8.92 10.92 5.13
N TYR A 81 -9.43 11.43 3.99
CA TYR A 81 -9.03 12.70 3.40
C TYR A 81 -9.68 13.77 4.28
N LYS A 82 -8.89 14.75 4.74
CA LYS A 82 -9.41 15.81 5.61
C LYS A 82 -9.65 17.09 4.82
N GLY A 83 -8.72 17.42 3.94
CA GLY A 83 -8.76 18.61 3.10
C GLY A 83 -7.45 18.90 2.42
N CYS A 84 -7.31 20.12 1.89
CA CYS A 84 -6.11 20.57 1.23
C CYS A 84 -5.64 21.90 1.78
N CYS A 85 -4.33 22.11 1.78
CA CYS A 85 -3.73 23.35 2.26
C CYS A 85 -3.04 24.08 1.11
N GLU A 86 -3.29 25.39 0.97
CA GLU A 86 -2.65 26.17 -0.09
C GLU A 86 -1.17 26.45 0.20
N ASP A 87 -0.30 25.63 -0.40
CA ASP A 87 1.15 25.72 -0.25
C ASP A 87 1.65 26.83 -1.17
N ALA A 88 1.90 28.04 -0.59
CA ALA A 88 2.39 29.22 -1.31
C ALA A 88 3.76 28.93 -1.93
N GLY A 89 4.59 28.19 -1.19
CA GLY A 89 5.86 27.68 -1.68
C GLY A 89 5.55 26.47 -2.53
N ALA A 90 6.35 26.20 -3.58
CA ALA A 90 6.14 25.09 -4.54
C ALA A 90 4.89 25.25 -5.44
N ALA A 91 4.02 26.25 -5.15
CA ALA A 91 2.77 26.58 -5.87
C ALA A 91 1.88 25.38 -6.23
N SER A 92 1.75 24.45 -5.27
CA SER A 92 0.96 23.23 -5.38
C SER A 92 0.07 23.09 -4.13
N LEU A 93 -0.65 21.95 -4.02
CA LEU A 93 -1.50 21.70 -2.86
C LEU A 93 -0.84 20.70 -1.93
N GLN A 94 -1.10 20.86 -0.63
CA GLN A 94 -0.62 19.95 0.40
C GLN A 94 -1.81 19.08 0.77
N LEU A 95 -1.63 17.75 0.69
CA LEU A 95 -2.69 16.80 1.01
C LEU A 95 -2.78 16.58 2.52
N VAL A 96 -3.86 17.10 3.13
CA VAL A 96 -4.12 16.99 4.56
C VAL A 96 -5.01 15.76 4.77
N MET A 97 -4.48 14.76 5.47
CA MET A 97 -5.16 13.50 5.76
C MET A 97 -5.21 13.31 7.25
N GLU A 98 -5.96 12.29 7.70
CA GLU A 98 -6.06 11.96 9.12
C GLU A 98 -4.76 11.34 9.64
N TYR A 99 -4.46 11.57 10.91
CA TYR A 99 -3.31 10.98 11.57
C TYR A 99 -3.77 9.62 12.10
N VAL A 100 -3.13 8.55 11.63
CA VAL A 100 -3.43 7.17 12.03
C VAL A 100 -2.42 6.88 13.16
N PRO A 101 -2.86 6.92 14.46
CA PRO A 101 -1.90 6.88 15.58
C PRO A 101 -0.82 5.82 15.72
N LEU A 102 -1.10 4.56 15.39
CA LEU A 102 -0.08 3.52 15.56
C LEU A 102 0.94 3.40 14.42
N GLY A 103 0.63 4.03 13.28
CA GLY A 103 1.49 4.05 12.11
C GLY A 103 1.45 2.82 11.23
N SER A 104 2.47 2.67 10.37
CA SER A 104 2.56 1.56 9.42
C SER A 104 2.84 0.22 10.07
N LEU A 105 2.35 -0.85 9.43
CA LEU A 105 2.56 -2.22 9.90
C LEU A 105 4.03 -2.60 9.76
N ARG A 106 4.75 -1.99 8.79
CA ARG A 106 6.20 -2.20 8.58
C ARG A 106 7.01 -1.71 9.78
N ASP A 107 6.54 -0.64 10.46
CA ASP A 107 7.18 -0.06 11.63
C ASP A 107 6.69 -0.69 12.94
N TYR A 108 5.38 -0.94 13.04
CA TYR A 108 4.71 -1.48 14.22
C TYR A 108 5.03 -2.94 14.53
N LEU A 109 4.84 -3.84 13.54
CA LEU A 109 5.03 -5.29 13.69
C LEU A 109 6.40 -5.76 14.21
N PRO A 110 7.57 -5.21 13.79
CA PRO A 110 8.85 -5.69 14.34
C PRO A 110 9.03 -5.39 15.83
N ARG A 111 8.26 -4.44 16.39
CA ARG A 111 8.30 -4.03 17.79
C ARG A 111 7.13 -4.56 18.64
N HIS A 112 6.04 -5.01 17.99
CA HIS A 112 4.87 -5.53 18.71
C HIS A 112 4.43 -6.87 18.14
N SER A 113 4.67 -7.95 18.92
CA SER A 113 4.30 -9.33 18.58
C SER A 113 2.78 -9.46 18.59
N ILE A 114 2.18 -9.33 17.41
CA ILE A 114 0.73 -9.39 17.21
C ILE A 114 0.32 -10.83 16.86
N GLY A 115 -0.72 -11.31 17.54
CA GLY A 115 -1.27 -12.65 17.36
C GLY A 115 -1.79 -12.90 15.96
N LEU A 116 -1.73 -14.18 15.53
CA LEU A 116 -2.14 -14.67 14.21
C LEU A 116 -3.55 -14.21 13.81
N ALA A 117 -4.53 -14.31 14.73
CA ALA A 117 -5.93 -13.92 14.52
C ALA A 117 -6.07 -12.44 14.16
N GLN A 118 -5.31 -11.55 14.85
CA GLN A 118 -5.31 -10.12 14.59
C GLN A 118 -4.69 -9.83 13.22
N LEU A 119 -3.62 -10.55 12.86
CA LEU A 119 -2.94 -10.43 11.57
C LEU A 119 -3.90 -10.81 10.43
N LEU A 120 -4.75 -11.84 10.66
CA LEU A 120 -5.75 -12.31 9.68
C LEU A 120 -6.91 -11.32 9.59
N LEU A 121 -7.25 -10.65 10.71
CA LEU A 121 -8.28 -9.60 10.75
C LEU A 121 -7.79 -8.41 9.91
N PHE A 122 -6.49 -8.08 10.01
CA PHE A 122 -5.84 -7.01 9.25
C PHE A 122 -5.92 -7.31 7.75
N ALA A 123 -5.56 -8.56 7.36
CA ALA A 123 -5.64 -9.02 5.96
C ALA A 123 -7.07 -8.89 5.43
N GLN A 124 -8.07 -9.28 6.24
CA GLN A 124 -9.51 -9.19 5.92
C GLN A 124 -9.92 -7.73 5.67
N GLN A 125 -9.48 -6.82 6.55
CA GLN A 125 -9.73 -5.38 6.46
C GLN A 125 -9.09 -4.77 5.19
N ILE A 126 -7.87 -5.23 4.84
CA ILE A 126 -7.14 -4.81 3.62
C ILE A 126 -8.00 -5.16 2.39
N CYS A 127 -8.52 -6.42 2.33
CA CYS A 127 -9.39 -6.91 1.26
C CYS A 127 -10.70 -6.13 1.16
N GLU A 128 -11.22 -5.66 2.30
CA GLU A 128 -12.45 -4.89 2.36
C GLU A 128 -12.26 -3.52 1.75
N GLY A 129 -11.15 -2.87 2.08
CA GLY A 129 -10.79 -1.57 1.52
C GLY A 129 -10.47 -1.66 0.05
N MET A 130 -9.83 -2.77 -0.35
CA MET A 130 -9.42 -3.06 -1.73
C MET A 130 -10.59 -3.44 -2.64
N ALA A 131 -11.61 -4.14 -2.13
CA ALA A 131 -12.79 -4.51 -2.92
C ALA A 131 -13.56 -3.23 -3.24
N TYR A 132 -13.61 -2.30 -2.26
CA TYR A 132 -14.24 -0.99 -2.41
C TYR A 132 -13.51 -0.21 -3.51
N LEU A 133 -12.17 -0.08 -3.39
CA LEU A 133 -11.30 0.60 -4.35
C LEU A 133 -11.52 0.09 -5.79
N HIS A 134 -11.58 -1.25 -5.96
CA HIS A 134 -11.81 -1.93 -7.24
C HIS A 134 -13.24 -1.70 -7.78
N ALA A 135 -14.24 -1.62 -6.87
CA ALA A 135 -15.63 -1.33 -7.23
C ALA A 135 -15.76 0.12 -7.73
N GLN A 136 -14.85 0.99 -7.26
CA GLN A 136 -14.75 2.41 -7.64
C GLN A 136 -13.91 2.58 -8.93
N HIS A 137 -13.45 1.46 -9.51
CA HIS A 137 -12.65 1.37 -10.74
C HIS A 137 -11.25 2.00 -10.64
N TYR A 138 -10.60 1.77 -9.51
CA TYR A 138 -9.23 2.22 -9.26
C TYR A 138 -8.35 1.02 -8.91
N ILE A 139 -7.06 1.12 -9.26
CA ILE A 139 -6.03 0.14 -8.91
C ILE A 139 -5.05 0.85 -7.98
N HIS A 140 -4.60 0.19 -6.91
CA HIS A 140 -3.68 0.77 -5.95
C HIS A 140 -2.23 0.86 -6.47
N ARG A 141 -1.70 -0.25 -7.06
CA ARG A 141 -0.36 -0.35 -7.64
C ARG A 141 0.83 -0.28 -6.66
N ASN A 142 0.56 -0.29 -5.35
CA ASN A 142 1.60 -0.21 -4.32
C ASN A 142 1.08 -0.75 -2.98
N LEU A 143 0.42 -1.93 -3.02
CA LEU A 143 -0.10 -2.54 -1.80
C LEU A 143 1.02 -3.28 -1.08
N ALA A 144 1.46 -2.73 0.04
CA ALA A 144 2.55 -3.25 0.86
C ALA A 144 2.29 -2.92 2.32
N ALA A 145 2.95 -3.65 3.24
CA ALA A 145 2.81 -3.44 4.69
C ALA A 145 3.17 -2.01 5.11
N ARG A 146 4.07 -1.35 4.34
CA ARG A 146 4.51 0.04 4.52
C ARG A 146 3.35 1.02 4.30
N ASN A 147 2.44 0.68 3.36
CA ASN A 147 1.30 1.53 2.99
C ASN A 147 0.01 1.22 3.75
N VAL A 148 0.06 0.24 4.67
CA VAL A 148 -1.09 -0.14 5.49
C VAL A 148 -0.84 0.45 6.87
N LEU A 149 -1.74 1.33 7.30
CA LEU A 149 -1.64 2.04 8.57
C LEU A 149 -2.55 1.48 9.65
N LEU A 150 -2.05 1.43 10.89
CA LEU A 150 -2.75 0.89 12.04
C LEU A 150 -3.33 1.99 12.93
N ASP A 151 -4.66 1.99 13.10
CA ASP A 151 -5.39 2.97 13.92
C ASP A 151 -5.47 2.49 15.37
N ASN A 152 -5.70 1.18 15.57
CA ASN A 152 -5.77 0.47 16.85
C ASN A 152 -5.54 -1.04 16.59
N ASP A 153 -5.28 -1.85 17.65
CA ASP A 153 -5.03 -3.30 17.55
C ASP A 153 -6.08 -4.14 16.78
N ARG A 154 -7.26 -3.54 16.47
CA ARG A 154 -8.35 -4.19 15.75
C ARG A 154 -8.82 -3.42 14.48
N LEU A 155 -8.12 -2.32 14.10
CA LEU A 155 -8.47 -1.52 12.93
C LEU A 155 -7.26 -1.13 12.07
N VAL A 156 -7.35 -1.37 10.75
CA VAL A 156 -6.31 -1.09 9.76
C VAL A 156 -6.82 -0.23 8.58
N LYS A 157 -5.95 0.61 7.98
CA LYS A 157 -6.30 1.51 6.87
C LYS A 157 -5.21 1.58 5.80
N ILE A 158 -5.60 1.56 4.50
CA ILE A 158 -4.69 1.70 3.35
C ILE A 158 -4.34 3.20 3.27
N GLY A 159 -3.04 3.54 3.19
CA GLY A 159 -2.60 4.92 3.26
C GLY A 159 -1.89 5.69 2.15
N ASP A 160 -1.36 5.03 1.11
CA ASP A 160 -0.61 5.77 0.07
C ASP A 160 -1.10 5.47 -1.34
N PHE A 161 -1.74 6.48 -1.95
CA PHE A 161 -2.34 6.37 -3.27
C PHE A 161 -1.55 7.08 -4.38
N GLY A 162 -0.24 7.22 -4.16
CA GLY A 162 0.69 7.87 -5.08
C GLY A 162 0.83 7.18 -6.42
N LEU A 163 0.60 5.86 -6.42
CA LEU A 163 0.68 5.02 -7.61
C LEU A 163 -0.72 4.61 -8.10
N ALA A 164 -1.78 4.99 -7.35
CA ALA A 164 -3.16 4.65 -7.70
C ALA A 164 -3.62 5.29 -9.01
N LYS A 165 -4.22 4.45 -9.87
CA LYS A 165 -4.70 4.84 -11.19
C LYS A 165 -6.12 4.36 -11.39
N ALA A 166 -6.86 5.05 -12.26
CA ALA A 166 -8.24 4.70 -12.61
C ALA A 166 -8.22 3.83 -13.85
N VAL A 167 -8.91 2.69 -13.78
CA VAL A 167 -9.03 1.76 -14.90
C VAL A 167 -10.31 2.15 -15.65
N PRO A 168 -10.23 2.53 -16.95
CA PRO A 168 -11.46 2.90 -17.67
C PRO A 168 -12.50 1.78 -17.69
N GLU A 169 -13.79 2.15 -17.68
CA GLU A 169 -14.97 1.27 -17.67
C GLU A 169 -14.88 0.03 -18.59
N GLY A 170 -14.41 0.23 -19.82
CA GLY A 170 -14.26 -0.84 -20.80
C GLY A 170 -13.05 -1.73 -20.60
N HIS A 171 -11.93 -1.13 -20.18
CA HIS A 171 -10.65 -1.81 -19.95
C HIS A 171 -10.63 -2.60 -18.64
N GLU A 172 -9.80 -3.66 -18.59
CA GLU A 172 -9.62 -4.53 -17.41
C GLU A 172 -8.22 -4.37 -16.79
N TYR A 173 -7.38 -3.52 -17.43
CA TYR A 173 -6.01 -3.22 -17.01
C TYR A 173 -5.59 -1.79 -17.39
N TYR A 174 -4.44 -1.36 -16.87
CA TYR A 174 -3.80 -0.07 -17.15
C TYR A 174 -2.35 -0.35 -17.56
N ARG A 175 -1.92 0.22 -18.69
CA ARG A 175 -0.55 0.02 -19.17
C ARG A 175 0.43 0.92 -18.44
N VAL A 176 1.37 0.29 -17.71
CA VAL A 176 2.39 0.97 -16.91
C VAL A 176 3.69 1.19 -17.70
N ARG A 177 4.56 2.09 -17.22
CA ARG A 177 5.84 2.37 -17.85
C ARG A 177 7.06 1.91 -17.03
N GLU A 178 8.24 1.84 -17.68
CA GLU A 178 9.51 1.46 -17.07
C GLU A 178 9.95 2.54 -16.07
N ASP A 179 9.83 2.24 -14.77
CA ASP A 179 10.16 3.17 -13.70
C ASP A 179 11.06 2.52 -12.63
N GLY A 180 12.05 3.28 -12.17
CA GLY A 180 13.00 2.87 -11.15
C GLY A 180 12.39 2.72 -9.77
N ASP A 181 11.35 3.53 -9.48
CA ASP A 181 10.65 3.54 -8.19
C ASP A 181 9.51 2.52 -8.06
N SER A 182 9.30 1.67 -9.09
CA SER A 182 8.24 0.64 -9.10
C SER A 182 8.47 -0.41 -8.02
N PRO A 183 7.45 -0.79 -7.22
CA PRO A 183 7.67 -1.81 -6.19
C PRO A 183 7.61 -3.23 -6.77
N VAL A 184 8.61 -3.55 -7.61
CA VAL A 184 8.77 -4.82 -8.35
C VAL A 184 8.68 -6.10 -7.53
N PHE A 185 9.19 -6.09 -6.29
CA PHE A 185 9.15 -7.27 -5.40
C PHE A 185 7.77 -7.58 -4.83
N TRP A 186 6.78 -6.72 -5.15
CA TRP A 186 5.38 -6.83 -4.77
C TRP A 186 4.50 -6.99 -6.02
N TYR A 187 5.14 -7.07 -7.21
CA TYR A 187 4.47 -7.13 -8.51
C TYR A 187 4.28 -8.49 -9.15
N ALA A 188 3.12 -8.67 -9.79
CA ALA A 188 2.74 -9.87 -10.53
C ALA A 188 3.58 -9.97 -11.82
N PRO A 189 3.79 -11.17 -12.42
CA PRO A 189 4.61 -11.26 -13.64
C PRO A 189 4.15 -10.43 -14.83
N GLU A 190 2.82 -10.27 -15.01
CA GLU A 190 2.25 -9.48 -16.12
C GLU A 190 2.64 -7.99 -16.04
N CYS A 191 2.94 -7.48 -14.82
CA CYS A 191 3.36 -6.11 -14.54
C CYS A 191 4.82 -5.94 -14.95
N LEU A 192 5.65 -6.95 -14.64
CA LEU A 192 7.08 -6.97 -14.89
C LEU A 192 7.40 -7.17 -16.36
N LYS A 193 6.71 -8.14 -17.00
CA LYS A 193 6.92 -8.55 -18.38
C LYS A 193 6.14 -7.72 -19.41
N GLU A 194 4.80 -7.80 -19.37
CA GLU A 194 3.91 -7.14 -20.33
C GLU A 194 3.51 -5.69 -19.96
N TYR A 195 4.01 -5.19 -18.80
CA TYR A 195 3.75 -3.84 -18.28
C TYR A 195 2.24 -3.48 -18.19
N LYS A 196 1.44 -4.46 -17.75
CA LYS A 196 -0.01 -4.35 -17.61
C LYS A 196 -0.41 -4.54 -16.15
N PHE A 197 -1.26 -3.64 -15.63
CA PHE A 197 -1.73 -3.71 -14.26
C PHE A 197 -3.25 -3.94 -14.19
N TYR A 198 -3.64 -5.20 -13.96
CA TYR A 198 -5.04 -5.62 -13.84
C TYR A 198 -5.49 -5.46 -12.39
N TYR A 199 -6.78 -5.73 -12.10
CA TYR A 199 -7.29 -5.72 -10.73
C TYR A 199 -6.66 -6.92 -9.98
N ALA A 200 -6.39 -8.01 -10.73
CA ALA A 200 -5.75 -9.25 -10.26
C ALA A 200 -4.30 -9.01 -9.83
N SER A 201 -3.67 -7.97 -10.39
CA SER A 201 -2.30 -7.58 -10.05
C SER A 201 -2.21 -7.05 -8.61
N ASP A 202 -3.29 -6.37 -8.14
CA ASP A 202 -3.38 -5.87 -6.77
C ASP A 202 -3.53 -7.03 -5.77
N VAL A 203 -4.12 -8.17 -6.24
CA VAL A 203 -4.32 -9.39 -5.44
C VAL A 203 -2.98 -10.07 -5.21
N TRP A 204 -2.06 -10.02 -6.22
CA TRP A 204 -0.71 -10.55 -6.10
C TRP A 204 -0.01 -9.82 -4.96
N SER A 205 -0.05 -8.47 -5.00
CA SER A 205 0.52 -7.57 -3.98
C SER A 205 -0.07 -7.81 -2.61
N PHE A 206 -1.38 -8.13 -2.52
CA PHE A 206 -2.02 -8.48 -1.24
C PHE A 206 -1.37 -9.73 -0.66
N GLY A 207 -1.16 -10.74 -1.51
CA GLY A 207 -0.50 -11.98 -1.13
C GLY A 207 0.88 -11.74 -0.54
N VAL A 208 1.63 -10.78 -1.14
CA VAL A 208 2.96 -10.35 -0.70
C VAL A 208 2.84 -9.62 0.65
N THR A 209 1.80 -8.76 0.80
CA THR A 209 1.52 -7.99 2.01
C THR A 209 1.17 -8.95 3.14
N LEU A 210 0.38 -10.01 2.83
CA LEU A 210 -0.01 -11.05 3.78
C LEU A 210 1.24 -11.79 4.29
N TYR A 211 2.18 -12.08 3.36
CA TYR A 211 3.47 -12.70 3.65
C TYR A 211 4.23 -11.84 4.68
N GLU A 212 4.31 -10.52 4.44
CA GLU A 212 4.98 -9.53 5.29
C GLU A 212 4.42 -9.50 6.70
N LEU A 213 3.08 -9.57 6.85
CA LEU A 213 2.40 -9.58 8.15
C LEU A 213 2.73 -10.85 8.91
N LEU A 214 2.74 -12.00 8.23
CA LEU A 214 3.03 -13.31 8.82
C LEU A 214 4.52 -13.47 9.20
N THR A 215 5.40 -12.59 8.70
CA THR A 215 6.83 -12.58 9.04
C THR A 215 7.09 -11.49 10.10
N HIS A 216 6.02 -10.73 10.47
CA HIS A 216 6.01 -9.59 11.40
C HIS A 216 6.88 -8.44 10.88
N CYS A 217 6.90 -8.30 9.54
CA CYS A 217 7.68 -7.32 8.78
C CYS A 217 9.18 -7.35 9.08
N ASP A 218 9.71 -8.56 9.34
CA ASP A 218 11.12 -8.83 9.60
C ASP A 218 11.88 -8.57 8.30
N SER A 219 12.72 -7.53 8.32
CA SER A 219 13.52 -7.06 7.19
C SER A 219 14.44 -8.10 6.54
N SER A 220 14.87 -9.12 7.33
CA SER A 220 15.70 -10.23 6.84
C SER A 220 14.83 -11.29 6.14
N GLN A 221 13.50 -11.20 6.32
CA GLN A 221 12.51 -12.11 5.71
C GLN A 221 11.72 -11.36 4.62
N SER A 222 12.02 -10.06 4.40
CA SER A 222 11.33 -9.18 3.47
C SER A 222 11.42 -9.61 1.99
N PRO A 223 10.39 -9.29 1.16
CA PRO A 223 10.45 -9.64 -0.27
C PRO A 223 11.72 -9.16 -1.01
N PRO A 224 12.28 -7.92 -0.85
CA PRO A 224 13.55 -7.61 -1.54
C PRO A 224 14.71 -8.49 -1.08
N THR A 225 14.78 -8.84 0.22
CA THR A 225 15.81 -9.70 0.77
C THR A 225 15.74 -11.12 0.20
N LYS A 226 14.56 -11.76 0.29
CA LYS A 226 14.34 -13.12 -0.17
C LYS A 226 14.49 -13.31 -1.68
N PHE A 227 13.98 -12.36 -2.48
CA PHE A 227 14.10 -12.41 -3.94
C PHE A 227 15.53 -12.19 -4.43
N LEU A 228 16.25 -11.23 -3.82
CA LEU A 228 17.64 -10.95 -4.20
C LEU A 228 18.63 -12.06 -3.83
N GLU A 229 18.25 -12.93 -2.87
CA GLU A 229 19.02 -14.11 -2.47
C GLU A 229 18.97 -15.16 -3.58
N LEU A 230 17.84 -15.24 -4.30
CA LEU A 230 17.60 -16.16 -5.41
C LEU A 230 18.14 -15.62 -6.73
N ILE A 231 18.07 -14.30 -6.93
CA ILE A 231 18.52 -13.61 -8.14
C ILE A 231 20.04 -13.41 -8.14
N GLY A 232 20.56 -12.88 -7.02
CA GLY A 232 21.96 -12.52 -6.88
C GLY A 232 22.08 -11.01 -7.02
N ILE A 233 23.17 -10.43 -6.51
CA ILE A 233 23.36 -8.97 -6.51
C ILE A 233 24.28 -8.39 -7.61
N ALA A 234 24.73 -9.24 -8.54
CA ALA A 234 25.61 -8.84 -9.64
C ALA A 234 25.02 -9.32 -10.98
N GLN A 235 23.80 -8.88 -11.30
CA GLN A 235 23.07 -9.28 -12.51
C GLN A 235 22.81 -8.15 -13.52
N GLY A 236 23.65 -7.11 -13.49
CA GLY A 236 23.55 -5.94 -14.37
C GLY A 236 22.18 -5.28 -14.33
N GLN A 237 21.60 -5.07 -15.53
CA GLN A 237 20.26 -4.50 -15.69
C GLN A 237 19.18 -5.59 -15.70
N MET A 238 19.52 -6.83 -15.30
CA MET A 238 18.61 -7.99 -15.34
C MET A 238 17.99 -8.49 -14.04
N THR A 239 17.84 -7.64 -13.01
CA THR A 239 17.21 -8.04 -11.76
C THR A 239 15.72 -8.41 -11.97
N VAL A 240 14.97 -7.52 -12.67
CA VAL A 240 13.54 -7.68 -12.98
C VAL A 240 13.28 -8.90 -13.90
N LEU A 241 14.12 -9.07 -14.95
CA LEU A 241 14.04 -10.19 -15.89
C LEU A 241 14.24 -11.52 -15.16
N ARG A 242 15.26 -11.60 -14.29
CA ARG A 242 15.58 -12.77 -13.47
C ARG A 242 14.45 -13.04 -12.48
N LEU A 243 13.82 -11.96 -11.96
CA LEU A 243 12.67 -12.03 -11.05
C LEU A 243 11.47 -12.60 -11.80
N THR A 244 11.22 -12.11 -13.04
CA THR A 244 10.15 -12.59 -13.93
C THR A 244 10.34 -14.09 -14.19
N GLU A 245 11.60 -14.52 -14.48
CA GLU A 245 11.96 -15.90 -14.77
C GLU A 245 11.72 -16.88 -13.62
N LEU A 246 12.15 -16.53 -12.38
CA LEU A 246 11.90 -17.40 -11.21
C LEU A 246 10.40 -17.53 -10.91
N LEU A 247 9.62 -16.45 -11.10
CA LEU A 247 8.18 -16.46 -10.87
C LEU A 247 7.47 -17.32 -11.92
N GLU A 248 7.97 -17.28 -13.17
CA GLU A 248 7.47 -18.08 -14.29
C GLU A 248 7.82 -19.56 -14.06
N ARG A 249 8.95 -19.84 -13.36
CA ARG A 249 9.38 -21.21 -13.01
C ARG A 249 8.57 -21.78 -11.83
N GLY A 250 7.71 -20.96 -11.24
CA GLY A 250 6.85 -21.32 -10.12
C GLY A 250 7.45 -21.08 -8.76
N GLU A 251 8.62 -20.40 -8.69
CA GLU A 251 9.28 -20.09 -7.43
C GLU A 251 8.55 -18.96 -6.72
N ARG A 252 8.36 -19.11 -5.41
CA ARG A 252 7.62 -18.16 -4.60
C ARG A 252 8.33 -17.88 -3.29
N LEU A 253 7.89 -16.85 -2.55
CA LEU A 253 8.43 -16.52 -1.22
C LEU A 253 8.10 -17.69 -0.31
N PRO A 254 9.02 -18.09 0.61
CA PRO A 254 8.73 -19.29 1.45
C PRO A 254 7.62 -19.10 2.47
N ARG A 255 7.20 -20.20 3.11
CA ARG A 255 6.16 -20.18 4.13
C ARG A 255 6.74 -19.57 5.41
N PRO A 256 6.13 -18.47 5.93
CA PRO A 256 6.64 -17.87 7.17
C PRO A 256 6.47 -18.83 8.34
N ASP A 257 7.34 -18.74 9.37
CA ASP A 257 7.26 -19.60 10.54
C ASP A 257 5.95 -19.35 11.29
N LYS A 258 5.32 -20.43 11.81
CA LYS A 258 4.04 -20.41 12.54
C LYS A 258 2.84 -19.94 11.69
N CYS A 259 3.01 -19.91 10.35
CA CYS A 259 1.94 -19.59 9.41
C CYS A 259 1.23 -20.90 9.11
N PRO A 260 -0.11 -20.99 9.28
CA PRO A 260 -0.80 -22.25 8.96
C PRO A 260 -0.71 -22.56 7.47
N ALA A 261 -0.51 -23.85 7.11
CA ALA A 261 -0.39 -24.33 5.72
C ALA A 261 -1.53 -23.85 4.82
N GLU A 262 -2.76 -23.83 5.35
CA GLU A 262 -4.00 -23.38 4.72
C GLU A 262 -3.85 -21.92 4.27
N VAL A 263 -3.31 -21.08 5.17
CA VAL A 263 -3.07 -19.65 4.97
C VAL A 263 -2.01 -19.46 3.89
N TYR A 264 -0.94 -20.28 3.90
CA TYR A 264 0.13 -20.24 2.92
C TYR A 264 -0.37 -20.63 1.51
N HIS A 265 -1.31 -21.58 1.43
CA HIS A 265 -1.90 -22.01 0.16
C HIS A 265 -2.83 -20.93 -0.42
N LEU A 266 -3.47 -20.14 0.47
CA LEU A 266 -4.30 -18.99 0.11
C LEU A 266 -3.38 -17.91 -0.51
N MET A 267 -2.18 -17.72 0.10
CA MET A 267 -1.12 -16.79 -0.33
C MET A 267 -0.64 -17.18 -1.74
N LYS A 268 -0.37 -18.49 -1.94
CA LYS A 268 0.07 -19.08 -3.20
C LYS A 268 -0.98 -18.94 -4.31
N ASN A 269 -2.27 -18.88 -3.92
CA ASN A 269 -3.41 -18.70 -4.81
C ASN A 269 -3.53 -17.24 -5.22
N CYS A 270 -3.10 -16.31 -4.34
CA CYS A 270 -3.02 -14.88 -4.65
C CYS A 270 -1.84 -14.66 -5.59
N TRP A 271 -0.89 -15.64 -5.63
CA TRP A 271 0.30 -15.61 -6.47
C TRP A 271 0.25 -16.59 -7.64
N GLU A 272 -0.94 -16.81 -8.23
CA GLU A 272 -1.00 -17.69 -9.40
C GLU A 272 -0.35 -16.93 -10.56
N THR A 273 0.45 -17.62 -11.39
CA THR A 273 1.10 -16.99 -12.55
C THR A 273 0.00 -16.44 -13.50
N GLU A 274 -1.09 -17.22 -13.66
CA GLU A 274 -2.27 -16.85 -14.45
C GLU A 274 -3.18 -15.96 -13.58
N ALA A 275 -3.34 -14.69 -13.98
CA ALA A 275 -4.14 -13.68 -13.28
C ALA A 275 -5.59 -14.10 -13.02
N SER A 276 -6.23 -14.79 -13.99
CA SER A 276 -7.62 -15.26 -13.90
C SER A 276 -7.81 -16.37 -12.85
N PHE A 277 -6.74 -17.13 -12.52
CA PHE A 277 -6.76 -18.20 -11.51
C PHE A 277 -6.71 -17.62 -10.09
N ARG A 278 -6.46 -16.31 -9.97
CA ARG A 278 -6.35 -15.61 -8.69
C ARG A 278 -7.73 -15.18 -8.18
N PRO A 279 -7.95 -15.18 -6.84
CA PRO A 279 -9.26 -14.74 -6.34
C PRO A 279 -9.37 -13.22 -6.44
N THR A 280 -10.60 -12.70 -6.46
CA THR A 280 -10.80 -11.25 -6.45
C THR A 280 -10.77 -10.84 -4.97
N PHE A 281 -10.78 -9.53 -4.66
CA PHE A 281 -10.80 -9.09 -3.27
C PHE A 281 -12.15 -9.42 -2.62
N GLU A 282 -13.23 -9.41 -3.42
CA GLU A 282 -14.57 -9.78 -3.00
C GLU A 282 -14.65 -11.26 -2.60
N ASN A 283 -13.87 -12.13 -3.28
CA ASN A 283 -13.79 -13.57 -2.99
C ASN A 283 -13.06 -13.82 -1.66
N LEU A 284 -12.01 -13.02 -1.38
CA LEU A 284 -11.19 -13.15 -0.18
C LEU A 284 -11.86 -12.73 1.13
N ILE A 285 -12.83 -11.79 1.07
CA ILE A 285 -13.54 -11.30 2.28
C ILE A 285 -14.25 -12.41 3.10
N PRO A 286 -15.18 -13.24 2.54
CA PRO A 286 -15.82 -14.28 3.36
C PRO A 286 -14.87 -15.39 3.78
N ILE A 287 -13.80 -15.61 2.96
CA ILE A 287 -12.76 -16.59 3.20
C ILE A 287 -11.93 -16.19 4.42
N LEU A 288 -11.44 -14.95 4.45
CA LEU A 288 -10.63 -14.45 5.57
C LEU A 288 -11.42 -14.26 6.86
N LYS A 289 -12.75 -13.99 6.76
CA LYS A 289 -13.66 -13.84 7.90
C LYS A 289 -13.76 -15.17 8.65
N THR A 290 -13.84 -16.27 7.88
CA THR A 290 -13.92 -17.64 8.36
C THR A 290 -12.59 -18.10 8.97
N VAL A 291 -11.47 -17.79 8.29
CA VAL A 291 -10.13 -18.15 8.72
C VAL A 291 -9.78 -17.38 10.01
N HIS A 292 -10.16 -16.09 10.08
CA HIS A 292 -9.94 -15.28 11.30
C HIS A 292 -10.74 -15.88 12.47
N GLU A 293 -11.97 -16.34 12.19
CA GLU A 293 -12.87 -16.96 13.15
C GLU A 293 -12.27 -18.25 13.73
N LYS A 294 -11.66 -19.08 12.87
CA LYS A 294 -11.00 -20.33 13.22
C LYS A 294 -9.84 -20.10 14.21
N TYR A 295 -8.99 -19.09 13.93
CA TYR A 295 -7.83 -18.77 14.76
C TYR A 295 -8.06 -17.81 15.93
N ARG A 296 -9.27 -17.23 16.07
CA ARG A 296 -9.58 -16.34 17.20
C ARG A 296 -10.02 -17.09 18.47
C1 0XH B . 4.80 5.62 3.16
C2 0XH B . 5.25 6.69 3.92
C3 0XH B . 4.38 7.39 4.75
C4 0XH B . 3.02 7.03 4.80
C5 0XH B . 2.57 5.94 4.04
C6 0XH B . 3.47 5.24 3.23
CL1 0XH B . 0.90 5.45 4.10
C8 0XH B . 2.05 7.76 5.63
O9 0XH B . 1.28 8.54 5.09
N10 0XH B . 2.02 7.51 6.95
C11 0XH B . 1.16 8.01 7.94
C12 0XH B . -0.04 8.71 7.70
C13 0XH B . -0.84 9.05 8.78
N14 0XH B . -0.49 8.75 10.02
C15 0XH B . 0.65 8.10 10.30
C16 0XH B . 1.46 7.67 9.25
N17 0XH B . 0.93 7.75 11.62
C18 0XH B . 2.17 7.53 12.16
O19 0XH B . 3.19 7.63 11.52
C20 0XH B . 2.20 7.13 13.62
C22 0XH B . 3.46 6.47 14.19
C23 0XH B . 3.10 7.91 14.58
F1 0XH B . 3.87 8.93 14.03
CL2 0XH B . 4.99 8.70 5.70
H21 0XH B . 1.25 6.79 14.00
H24 0XH B . 2.74 8.07 15.59
#